data_7LQJ
#
_entry.id   7LQJ
#
_cell.length_a   88.484
_cell.length_b   86.866
_cell.length_c   81.145
_cell.angle_alpha   90.000
_cell.angle_beta   96.090
_cell.angle_gamma   90.000
#
_symmetry.space_group_name_H-M   'C 1 2 1'
#
loop_
_entity.id
_entity.type
_entity.pdbx_description
1 polymer 'Na(+):neurotransmitter symporter (Snf family)'
2 non-polymer ALANINE
3 non-polymer 'SODIUM ION'
4 non-polymer 'octyl beta-D-glucopyranoside'
5 water water
#
_entity_poly.entity_id   1
_entity_poly.type   'polypeptide(L)'
_entity_poly.pdbx_seq_one_letter_code
;MEVKREHWATRLGLILAMAGNAVGLGNFLRFPVQAAENGGGAFMIPYIIAFLLVGIPLMWIEWAMGRYGGAQGHGTTPAI
FYLLWRNRFAKILGVFGLWIPLVVAIYYVYIESWTLGFAIKFLVGLVPEPPPNATDPDSILRPFKEFLYSYIGVPKGDEP
ILKPSLFAYIVFLITMFINVSILIRGISKGIERFAKIAMPTLFILAVFLVIRVFLLETPNGTAADGLNFLWTPDFEKLKD
PGVWIAAVGQIFFTLSLGFGAIITYASYVRKDQDIVLSGLTAATLNEKAEVILGGSISIPAAVAFFGVANAVAIAKAGAF
NLGFITLPAIFSQTAGGTFLGFLWFFLLFFAGLTSSIAIMQPMIAFLEDELKLSRKHAVLWTAAIVFFSAHLVMFLNKSL
DEMDFWAGTIGVVFFGLTELIIFFWIFGADKAWEEINRGGIIKVPRIYYYVMRYITPAFLAVLLVVWAREYIPKIMEETH
WTVWITRFYIIGLFLFLTFLVFLAERRRNHESAGTLVPR
;
_entity_poly.pdbx_strand_id   A
#
loop_
_chem_comp.id
_chem_comp.type
_chem_comp.name
_chem_comp.formula
BOG D-saccharide 'octyl beta-D-glucopyranoside' 'C14 H28 O6'
NA non-polymer 'SODIUM ION' 'Na 1'
#
# COMPACT_ATOMS: atom_id res chain seq x y z
N ARG A 5 -27.70 0.86 3.54
CA ARG A 5 -26.27 0.82 3.28
C ARG A 5 -25.98 0.27 1.88
N GLU A 6 -25.01 0.87 1.21
CA GLU A 6 -24.57 0.32 -0.08
C GLU A 6 -24.00 -1.07 0.11
N HIS A 7 -24.10 -1.88 -0.94
CA HIS A 7 -23.51 -3.20 -0.96
C HIS A 7 -22.84 -3.43 -2.30
N TRP A 8 -21.85 -4.31 -2.32
CA TRP A 8 -21.27 -4.75 -3.58
C TRP A 8 -22.33 -5.45 -4.41
N ALA A 9 -22.34 -5.16 -5.72
CA ALA A 9 -23.38 -5.69 -6.59
C ALA A 9 -23.16 -7.16 -6.92
N THR A 10 -21.92 -7.54 -7.24
CA THR A 10 -21.61 -8.89 -7.69
C THR A 10 -20.43 -9.42 -6.90
N ARG A 11 -20.31 -10.76 -6.88
CA ARG A 11 -19.17 -11.38 -6.23
C ARG A 11 -17.87 -11.04 -6.96
N LEU A 12 -17.90 -11.05 -8.30
CA LEU A 12 -16.72 -10.72 -9.07
C LEU A 12 -16.29 -9.28 -8.81
N GLY A 13 -17.24 -8.34 -8.80
CA GLY A 13 -16.90 -6.96 -8.52
C GLY A 13 -16.31 -6.79 -7.14
N LEU A 14 -16.84 -7.51 -6.15
CA LEU A 14 -16.27 -7.49 -4.81
C LEU A 14 -14.82 -7.95 -4.84
N ILE A 15 -14.55 -9.08 -5.50
CA ILE A 15 -13.20 -9.63 -5.52
C ILE A 15 -12.24 -8.70 -6.24
N LEU A 16 -12.65 -8.16 -7.39
CA LEU A 16 -11.76 -7.28 -8.14
C LEU A 16 -11.54 -5.95 -7.42
N ALA A 17 -12.55 -5.46 -6.69
CA ALA A 17 -12.35 -4.24 -5.91
C ALA A 17 -11.38 -4.49 -4.75
N MET A 18 -11.54 -5.62 -4.05
CA MET A 18 -10.62 -5.97 -2.97
C MET A 18 -9.23 -6.25 -3.53
N ALA A 19 -9.15 -6.92 -4.67
CA ALA A 19 -7.86 -7.16 -5.29
C ALA A 19 -7.20 -5.85 -5.71
N GLY A 20 -7.99 -4.89 -6.19
CA GLY A 20 -7.44 -3.59 -6.54
C GLY A 20 -7.07 -2.78 -5.32
N ASN A 21 -7.78 -2.99 -4.20
CA ASN A 21 -7.35 -2.45 -2.91
C ASN A 21 -5.92 -2.88 -2.60
N ALA A 22 -5.68 -4.18 -2.70
CA ALA A 22 -4.39 -4.83 -2.40
C ALA A 22 -3.35 -4.50 -3.48
N VAL A 23 -3.61 -4.77 -4.74
CA VAL A 23 -2.63 -4.70 -5.82
C VAL A 23 -2.39 -3.23 -6.16
N GLY A 24 -1.24 -2.70 -5.78
CA GLY A 24 -0.92 -1.31 -6.00
C GLY A 24 0.57 -1.07 -6.15
N LEU A 25 0.97 0.16 -5.88
CA LEU A 25 2.37 0.58 -5.90
C LEU A 25 3.19 -0.40 -5.07
N GLY A 26 2.68 -1.02 -3.98
CA GLY A 26 3.45 -1.94 -3.15
C GLY A 26 3.94 -3.16 -3.91
N ASN A 27 3.18 -3.60 -4.91
CA ASN A 27 3.56 -4.78 -5.68
C ASN A 27 4.68 -4.49 -6.67
N PHE A 28 4.65 -3.32 -7.31
CA PHE A 28 5.52 -3.04 -8.42
C PHE A 28 6.68 -2.12 -8.08
N LEU A 29 6.57 -1.32 -7.02
CA LEU A 29 7.65 -0.44 -6.57
C LEU A 29 8.28 -0.92 -5.26
N ARG A 30 7.47 -1.25 -4.26
CA ARG A 30 7.99 -1.56 -2.93
C ARG A 30 8.59 -2.96 -2.88
N PHE A 31 7.85 -3.96 -3.35
CA PHE A 31 8.33 -5.34 -3.25
C PHE A 31 9.68 -5.53 -3.91
N PRO A 32 9.93 -5.05 -5.14
CA PRO A 32 11.25 -5.27 -5.74
C PRO A 32 12.38 -4.69 -4.92
N VAL A 33 12.18 -3.50 -4.33
CA VAL A 33 13.24 -2.90 -3.53
C VAL A 33 13.46 -3.69 -2.25
N GLN A 34 12.37 -4.09 -1.58
CA GLN A 34 12.51 -4.85 -0.35
C GLN A 34 13.21 -6.19 -0.59
N ALA A 35 12.83 -6.89 -1.67
CA ALA A 35 13.44 -8.17 -1.96
C ALA A 35 14.91 -8.01 -2.34
N ALA A 36 15.22 -6.97 -3.13
CA ALA A 36 16.61 -6.78 -3.57
C ALA A 36 17.51 -6.33 -2.42
N GLU A 37 17.01 -5.44 -1.56
CA GLU A 37 17.78 -4.99 -0.41
C GLU A 37 18.11 -6.13 0.55
N ASN A 38 17.32 -7.22 0.54
CA ASN A 38 17.41 -8.26 1.55
C ASN A 38 17.80 -9.61 0.96
N GLY A 39 18.60 -9.60 -0.11
CA GLY A 39 19.22 -10.80 -0.60
C GLY A 39 18.42 -11.62 -1.60
N GLY A 40 17.29 -11.10 -2.08
CA GLY A 40 16.51 -11.81 -3.07
C GLY A 40 15.82 -13.03 -2.48
N GLY A 41 16.31 -14.22 -2.82
CA GLY A 41 15.73 -15.44 -2.28
C GLY A 41 15.81 -15.51 -0.77
N ALA A 42 16.82 -14.85 -0.18
CA ALA A 42 16.90 -14.76 1.27
C ALA A 42 15.66 -14.10 1.85
N PHE A 43 15.05 -13.18 1.10
CA PHE A 43 13.86 -12.47 1.54
C PHE A 43 12.60 -13.31 1.41
N MET A 44 12.59 -14.31 0.53
CA MET A 44 11.35 -14.95 0.14
C MET A 44 10.89 -16.01 1.13
N ILE A 45 11.79 -16.63 1.87
CA ILE A 45 11.37 -17.63 2.86
C ILE A 45 10.63 -16.91 3.98
N PRO A 46 11.21 -15.89 4.61
CA PRO A 46 10.41 -15.12 5.59
C PRO A 46 9.14 -14.54 5.01
N TYR A 47 9.19 -14.04 3.77
CA TYR A 47 8.01 -13.46 3.14
C TYR A 47 6.89 -14.48 3.03
N ILE A 48 7.21 -15.70 2.58
CA ILE A 48 6.19 -16.74 2.45
C ILE A 48 5.62 -17.10 3.82
N ILE A 49 6.49 -17.27 4.82
CA ILE A 49 6.03 -17.61 6.16
C ILE A 49 5.18 -16.50 6.74
N ALA A 50 5.55 -15.24 6.49
CA ALA A 50 4.75 -14.12 6.96
C ALA A 50 3.36 -14.11 6.31
N PHE A 51 3.30 -14.45 5.02
CA PHE A 51 2.00 -14.52 4.35
C PHE A 51 1.11 -15.57 5.01
N LEU A 52 1.68 -16.72 5.37
CA LEU A 52 0.89 -17.80 5.94
C LEU A 52 0.49 -17.56 7.38
N LEU A 53 1.34 -16.90 8.16
CA LEU A 53 1.11 -16.71 9.59
C LEU A 53 0.57 -15.34 9.95
N VAL A 54 0.58 -14.38 9.02
CA VAL A 54 0.11 -13.03 9.31
C VAL A 54 -0.89 -12.59 8.24
N GLY A 55 -0.43 -12.56 6.98
CA GLY A 55 -1.25 -12.07 5.89
C GLY A 55 -2.61 -12.73 5.80
N ILE A 56 -2.63 -14.05 5.62
CA ILE A 56 -3.89 -14.77 5.47
C ILE A 56 -4.79 -14.61 6.70
N PRO A 57 -4.34 -14.91 7.92
CA PRO A 57 -5.25 -14.82 9.06
C PRO A 57 -5.78 -13.41 9.32
N LEU A 58 -4.93 -12.39 9.21
CA LEU A 58 -5.40 -11.02 9.42
C LEU A 58 -6.37 -10.58 8.32
N MET A 59 -6.15 -11.06 7.09
CA MET A 59 -7.10 -10.76 6.02
C MET A 59 -8.50 -11.25 6.40
N TRP A 60 -8.61 -12.51 6.80
CA TRP A 60 -9.91 -13.04 7.21
C TRP A 60 -10.47 -12.26 8.39
N ILE A 61 -9.64 -11.93 9.37
CA ILE A 61 -10.12 -11.20 10.54
C ILE A 61 -10.66 -9.84 10.14
N GLU A 62 -10.00 -9.17 9.20
CA GLU A 62 -10.45 -7.83 8.80
C GLU A 62 -11.72 -7.92 7.96
N TRP A 63 -11.83 -8.91 7.07
CA TRP A 63 -13.09 -9.14 6.38
C TRP A 63 -14.22 -9.36 7.36
N ALA A 64 -13.98 -10.20 8.38
CA ALA A 64 -15.03 -10.52 9.34
C ALA A 64 -15.44 -9.28 10.14
N MET A 65 -14.46 -8.53 10.64
CA MET A 65 -14.79 -7.34 11.41
C MET A 65 -15.60 -6.34 10.58
N GLY A 66 -15.22 -6.19 9.31
CA GLY A 66 -15.94 -5.24 8.46
C GLY A 66 -17.37 -5.67 8.18
N ARG A 67 -17.55 -6.93 7.76
CA ARG A 67 -18.90 -7.44 7.53
C ARG A 67 -19.73 -7.36 8.80
N TYR A 68 -19.15 -7.72 9.94
CA TYR A 68 -19.85 -7.61 11.22
C TYR A 68 -20.29 -6.17 11.47
N GLY A 69 -19.38 -5.21 11.32
CA GLY A 69 -19.75 -3.82 11.54
C GLY A 69 -20.77 -3.33 10.54
N GLY A 70 -20.59 -3.69 9.26
CA GLY A 70 -21.50 -3.21 8.23
C GLY A 70 -22.94 -3.59 8.51
N ALA A 71 -23.15 -4.80 9.04
CA ALA A 71 -24.52 -5.24 9.33
C ALA A 71 -25.21 -4.34 10.35
N GLN A 72 -24.43 -3.58 11.14
CA GLN A 72 -24.99 -2.64 12.10
C GLN A 72 -24.80 -1.20 11.67
N GLY A 73 -24.44 -0.97 10.40
CA GLY A 73 -24.33 0.38 9.88
C GLY A 73 -23.01 1.06 10.10
N HIS A 74 -21.94 0.33 10.43
CA HIS A 74 -20.66 0.91 10.78
C HIS A 74 -19.55 0.27 9.98
N GLY A 75 -18.74 1.08 9.31
CA GLY A 75 -17.70 0.56 8.44
C GLY A 75 -16.28 0.89 8.85
N THR A 76 -16.10 1.68 9.90
CA THR A 76 -14.77 2.08 10.36
C THR A 76 -14.56 1.66 11.81
N THR A 77 -13.29 1.58 12.20
CA THR A 77 -12.88 0.91 13.43
C THR A 77 -13.25 1.67 14.70
N PRO A 78 -13.39 3.00 14.70
CA PRO A 78 -13.86 3.65 15.94
C PRO A 78 -15.17 3.04 16.44
N ALA A 79 -16.15 2.88 15.55
CA ALA A 79 -17.41 2.25 15.94
C ALA A 79 -17.29 0.74 16.06
N ILE A 80 -16.55 0.11 15.13
CA ILE A 80 -16.48 -1.35 15.12
C ILE A 80 -15.73 -1.86 16.34
N PHE A 81 -14.59 -1.25 16.67
CA PHE A 81 -13.89 -1.62 17.89
C PHE A 81 -14.81 -1.54 19.11
N TYR A 82 -15.66 -0.51 19.15
CA TYR A 82 -16.57 -0.34 20.29
C TYR A 82 -17.65 -1.41 20.32
N LEU A 83 -18.12 -1.84 19.14
CA LEU A 83 -19.06 -2.96 19.09
C LEU A 83 -18.42 -4.23 19.64
N LEU A 84 -17.13 -4.44 19.37
CA LEU A 84 -16.44 -5.63 19.82
C LEU A 84 -15.99 -5.51 21.27
N TRP A 85 -15.79 -4.29 21.76
CA TRP A 85 -15.26 -4.04 23.09
C TRP A 85 -15.83 -2.70 23.55
N ARG A 86 -16.96 -2.74 24.27
CA ARG A 86 -17.72 -1.58 24.76
C ARG A 86 -16.76 -1.01 25.78
N ASN A 87 -16.06 0.05 25.41
CA ASN A 87 -15.04 0.67 26.24
C ASN A 87 -14.58 1.89 25.45
N ARG A 88 -14.50 3.05 26.10
CA ARG A 88 -14.17 4.27 25.37
C ARG A 88 -12.74 4.22 24.86
N PHE A 89 -11.88 3.38 25.44
CA PHE A 89 -10.55 3.20 24.87
C PHE A 89 -10.59 2.47 23.54
N ALA A 90 -11.67 1.70 23.28
CA ALA A 90 -11.82 1.06 21.99
C ALA A 90 -12.03 2.08 20.88
N LYS A 91 -12.83 3.12 21.14
CA LYS A 91 -13.03 4.16 20.15
C LYS A 91 -11.72 4.90 19.87
N ILE A 92 -10.93 5.14 20.91
CA ILE A 92 -9.67 5.88 20.74
C ILE A 92 -8.68 5.06 19.93
N LEU A 93 -8.50 3.78 20.29
CA LEU A 93 -7.67 2.90 19.47
C LEU A 93 -8.19 2.82 18.04
N GLY A 94 -9.52 2.85 17.87
CA GLY A 94 -10.10 2.79 16.55
C GLY A 94 -9.79 3.98 15.68
N VAL A 95 -9.35 5.09 16.28
CA VAL A 95 -8.97 6.26 15.49
C VAL A 95 -7.83 5.92 14.53
N PHE A 96 -6.95 4.98 14.91
CA PHE A 96 -5.87 4.60 14.02
C PHE A 96 -6.39 4.02 12.71
N GLY A 97 -7.60 3.46 12.70
CA GLY A 97 -8.19 2.97 11.47
C GLY A 97 -8.70 4.07 10.55
N LEU A 98 -8.70 5.31 11.02
CA LEU A 98 -8.89 6.49 10.17
C LEU A 98 -7.59 7.21 9.91
N TRP A 99 -6.71 7.25 10.91
CA TRP A 99 -5.47 8.01 10.81
C TRP A 99 -4.48 7.34 9.88
N ILE A 100 -4.24 6.05 10.05
CA ILE A 100 -3.29 5.35 9.19
C ILE A 100 -3.63 5.50 7.71
N PRO A 101 -4.84 5.16 7.24
CA PRO A 101 -5.13 5.32 5.81
C PRO A 101 -5.11 6.77 5.35
N LEU A 102 -5.51 7.70 6.20
CA LEU A 102 -5.44 9.10 5.82
C LEU A 102 -4.00 9.56 5.64
N VAL A 103 -3.11 9.18 6.58
CA VAL A 103 -1.72 9.58 6.46
C VAL A 103 -1.06 8.90 5.27
N VAL A 104 -1.36 7.62 5.04
CA VAL A 104 -0.79 6.93 3.88
C VAL A 104 -1.28 7.59 2.60
N ALA A 105 -2.58 7.88 2.52
CA ALA A 105 -3.12 8.55 1.34
C ALA A 105 -2.40 9.86 1.06
N ILE A 106 -1.97 10.57 2.10
CA ILE A 106 -1.38 11.89 1.92
C ILE A 106 -0.10 11.85 1.10
N TYR A 107 0.67 10.76 1.18
CA TYR A 107 1.83 10.61 0.32
C TYR A 107 1.64 9.60 -0.80
N TYR A 108 0.71 8.65 -0.68
CA TYR A 108 0.49 7.62 -1.71
C TYR A 108 -0.11 8.30 -2.94
N VAL A 109 -1.08 9.19 -2.77
CA VAL A 109 -1.70 9.79 -3.93
C VAL A 109 -0.71 10.69 -4.67
N TYR A 110 0.22 11.31 -3.94
CA TYR A 110 1.23 12.14 -4.60
C TYR A 110 2.16 11.28 -5.46
N ILE A 111 2.66 10.18 -4.91
CA ILE A 111 3.48 9.27 -5.72
C ILE A 111 2.68 8.74 -6.90
N GLU A 112 1.42 8.37 -6.66
CA GLU A 112 0.54 7.98 -7.75
C GLU A 112 0.50 9.05 -8.84
N SER A 113 0.47 10.32 -8.45
CA SER A 113 0.41 11.38 -9.46
C SER A 113 1.72 11.46 -10.25
N TRP A 114 2.85 11.07 -9.66
CA TRP A 114 4.08 10.99 -10.44
C TRP A 114 3.92 10.02 -11.61
N THR A 115 3.33 8.84 -11.36
CA THR A 115 3.20 7.85 -12.41
C THR A 115 2.33 8.38 -13.54
N LEU A 116 1.30 9.16 -13.21
CA LEU A 116 0.48 9.77 -14.25
C LEU A 116 1.28 10.81 -15.03
N GLY A 117 2.02 11.67 -14.32
CA GLY A 117 2.83 12.66 -15.01
C GLY A 117 3.87 12.04 -15.91
N PHE A 118 4.58 11.02 -15.40
CA PHE A 118 5.55 10.30 -16.22
C PHE A 118 4.87 9.65 -17.41
N ALA A 119 3.71 9.02 -17.18
CA ALA A 119 2.98 8.40 -18.28
C ALA A 119 2.68 9.40 -19.39
N ILE A 120 2.15 10.56 -19.02
CA ILE A 120 1.86 11.60 -20.00
C ILE A 120 3.13 11.98 -20.76
N LYS A 121 4.20 12.32 -20.03
CA LYS A 121 5.41 12.79 -20.69
C LYS A 121 6.03 11.70 -21.55
N PHE A 122 5.98 10.45 -21.09
CA PHE A 122 6.52 9.36 -21.91
C PHE A 122 5.66 9.10 -23.13
N LEU A 123 4.34 9.23 -23.00
CA LEU A 123 3.46 9.04 -24.15
C LEU A 123 3.74 10.08 -25.23
N VAL A 124 3.97 11.34 -24.83
CA VAL A 124 4.17 12.42 -25.78
C VAL A 124 5.63 12.57 -26.19
N GLY A 125 6.54 11.79 -25.60
CA GLY A 125 7.92 11.81 -26.01
C GLY A 125 8.77 12.90 -25.39
N LEU A 126 8.27 13.56 -24.34
CA LEU A 126 9.03 14.60 -23.64
C LEU A 126 9.88 13.96 -22.55
N VAL A 127 10.86 13.20 -23.01
CA VAL A 127 11.71 12.39 -22.12
C VAL A 127 13.16 12.67 -22.46
N PRO A 128 14.08 12.35 -21.55
CA PRO A 128 15.50 12.56 -21.85
C PRO A 128 15.99 11.62 -22.93
N GLU A 129 16.95 12.10 -23.71
CA GLU A 129 17.57 11.30 -24.76
C GLU A 129 19.00 11.00 -24.37
N PRO A 130 19.31 9.79 -23.89
CA PRO A 130 20.69 9.46 -23.53
C PRO A 130 21.61 9.59 -24.73
N PRO A 131 22.92 9.63 -24.51
CA PRO A 131 23.85 9.85 -25.63
C PRO A 131 24.05 8.58 -26.44
N PRO A 132 23.93 8.67 -27.77
CA PRO A 132 24.29 7.54 -28.63
C PRO A 132 25.73 7.06 -28.42
N THR A 135 27.47 1.73 -23.86
CA THR A 135 28.11 3.02 -23.47
C THR A 135 28.02 3.14 -21.94
N ASP A 136 28.80 4.05 -21.35
CA ASP A 136 28.96 4.26 -19.88
C ASP A 136 27.61 4.18 -19.17
N PRO A 137 27.40 3.41 -18.08
CA PRO A 137 26.11 3.40 -17.44
C PRO A 137 25.66 4.76 -16.90
N ASP A 138 26.56 5.53 -16.32
CA ASP A 138 26.23 6.83 -15.69
C ASP A 138 25.69 7.79 -16.75
N SER A 139 26.20 7.76 -17.96
CA SER A 139 25.73 8.66 -19.02
C SER A 139 24.32 8.30 -19.48
N ILE A 140 23.89 7.09 -19.22
CA ILE A 140 22.53 6.62 -19.56
C ILE A 140 21.59 6.90 -18.38
N LEU A 141 22.02 6.66 -17.15
CA LEU A 141 21.17 6.83 -15.98
C LEU A 141 21.00 8.29 -15.58
N ARG A 142 22.05 9.12 -15.76
CA ARG A 142 22.00 10.47 -15.26
C ARG A 142 20.86 11.29 -15.85
N PRO A 143 20.60 11.26 -17.15
CA PRO A 143 19.48 12.05 -17.68
C PRO A 143 18.14 11.65 -17.10
N PHE A 144 17.97 10.37 -16.72
CA PHE A 144 16.72 9.95 -16.11
C PHE A 144 16.67 10.29 -14.63
N LYS A 145 17.81 10.26 -13.94
CA LYS A 145 17.85 10.78 -12.57
C LYS A 145 17.48 12.25 -12.55
N GLU A 146 18.07 13.04 -13.46
CA GLU A 146 17.76 14.46 -13.55
C GLU A 146 16.30 14.70 -13.89
N PHE A 147 15.72 13.82 -14.71
CA PHE A 147 14.32 13.94 -15.07
C PHE A 147 13.42 13.82 -13.84
N LEU A 148 13.68 12.81 -13.02
CA LEU A 148 12.90 12.66 -11.79
C LEU A 148 13.15 13.82 -10.83
N TYR A 149 14.42 14.21 -10.67
CA TYR A 149 14.75 15.25 -9.69
C TYR A 149 14.13 16.59 -10.07
N SER A 150 14.05 16.89 -11.36
CA SER A 150 13.38 18.11 -11.79
C SER A 150 11.87 18.02 -11.62
N TYR A 151 11.31 16.82 -11.67
CA TYR A 151 9.86 16.67 -11.56
C TYR A 151 9.41 16.91 -10.13
N ILE A 152 10.03 16.23 -9.16
CA ILE A 152 9.66 16.38 -7.76
C ILE A 152 10.42 17.50 -7.06
N GLY A 153 11.50 18.01 -7.66
CA GLY A 153 12.20 19.15 -7.11
C GLY A 153 13.15 18.83 -5.97
N VAL A 154 13.97 17.79 -6.14
CA VAL A 154 14.95 17.39 -5.13
C VAL A 154 15.84 18.57 -4.77
N PRO A 155 16.22 18.75 -3.50
CA PRO A 155 17.02 19.93 -3.13
C PRO A 155 18.40 19.88 -3.78
N LYS A 156 18.81 21.03 -4.31
CA LYS A 156 20.14 21.17 -4.91
C LYS A 156 21.13 21.83 -3.96
N GLY A 157 20.67 22.37 -2.83
CA GLY A 157 21.56 22.93 -1.83
C GLY A 157 21.47 22.21 -0.51
N ASP A 158 21.50 22.96 0.60
CA ASP A 158 21.44 22.38 1.93
C ASP A 158 20.06 22.45 2.57
N GLU A 159 19.20 23.35 2.10
CA GLU A 159 17.87 23.47 2.69
C GLU A 159 17.04 22.24 2.37
N PRO A 160 16.27 21.71 3.35
CA PRO A 160 15.46 20.50 3.13
C PRO A 160 14.15 20.81 2.42
N ILE A 161 14.24 21.48 1.27
CA ILE A 161 13.08 22.07 0.61
C ILE A 161 12.97 21.50 -0.79
N LEU A 162 11.75 21.10 -1.17
CA LEU A 162 11.45 20.62 -2.50
C LEU A 162 10.73 21.71 -3.29
N LYS A 163 10.96 21.73 -4.61
CA LYS A 163 10.26 22.63 -5.52
C LYS A 163 9.73 21.80 -6.68
N PRO A 164 8.56 21.18 -6.52
CA PRO A 164 7.99 20.41 -7.64
C PRO A 164 7.73 21.31 -8.84
N SER A 165 7.88 20.73 -10.02
CA SER A 165 7.59 21.46 -11.25
C SER A 165 6.10 21.81 -11.30
N LEU A 166 5.79 22.86 -12.07
CA LEU A 166 4.40 23.23 -12.29
C LEU A 166 3.61 22.05 -12.85
N PHE A 167 4.20 21.32 -13.78
CA PHE A 167 3.53 20.15 -14.35
C PHE A 167 3.18 19.14 -13.26
N ALA A 168 4.12 18.85 -12.36
CA ALA A 168 3.87 17.89 -11.30
C ALA A 168 2.73 18.34 -10.40
N TYR A 169 2.68 19.63 -10.06
CA TYR A 169 1.62 20.13 -9.20
C TYR A 169 0.26 19.98 -9.87
N ILE A 170 0.16 20.38 -11.14
CA ILE A 170 -1.09 20.26 -11.88
C ILE A 170 -1.51 18.81 -11.99
N VAL A 171 -0.55 17.91 -12.24
CA VAL A 171 -0.90 16.49 -12.37
C VAL A 171 -1.40 15.93 -11.05
N PHE A 172 -0.92 16.47 -9.92
CA PHE A 172 -1.46 16.03 -8.63
C PHE A 172 -2.92 16.46 -8.48
N LEU A 173 -3.24 17.69 -8.89
CA LEU A 173 -4.64 18.12 -8.89
C LEU A 173 -5.48 17.20 -9.76
N ILE A 174 -5.00 16.88 -10.96
CA ILE A 174 -5.73 15.97 -11.84
C ILE A 174 -5.92 14.62 -11.17
N THR A 175 -4.84 14.08 -10.58
CA THR A 175 -4.93 12.80 -9.90
C THR A 175 -5.99 12.83 -8.80
N MET A 176 -5.96 13.87 -7.95
CA MET A 176 -7.00 14.02 -6.94
C MET A 176 -8.38 14.04 -7.58
N PHE A 177 -8.52 14.75 -8.70
CA PHE A 177 -9.81 14.84 -9.37
C PHE A 177 -10.27 13.47 -9.85
N ILE A 178 -9.35 12.65 -10.34
CA ILE A 178 -9.71 11.32 -10.84
C ILE A 178 -10.16 10.44 -9.69
N ASN A 179 -9.44 10.46 -8.57
CA ASN A 179 -9.87 9.72 -7.39
C ASN A 179 -11.26 10.15 -6.96
N VAL A 180 -11.50 11.46 -6.90
CA VAL A 180 -12.80 11.96 -6.47
C VAL A 180 -13.91 11.50 -7.40
N SER A 181 -13.64 11.48 -8.71
CA SER A 181 -14.70 11.17 -9.67
C SER A 181 -15.14 9.72 -9.56
N ILE A 182 -14.25 8.83 -9.09
CA ILE A 182 -14.65 7.45 -8.83
C ILE A 182 -15.39 7.35 -7.50
N LEU A 183 -14.80 7.91 -6.44
CA LEU A 183 -15.36 7.75 -5.10
C LEU A 183 -16.73 8.40 -4.99
N ILE A 184 -16.93 9.53 -5.67
CA ILE A 184 -18.19 10.25 -5.53
C ILE A 184 -19.36 9.47 -6.12
N ARG A 185 -19.09 8.46 -6.94
CA ARG A 185 -20.14 7.61 -7.47
C ARG A 185 -20.46 6.42 -6.55
N GLY A 186 -19.68 6.21 -5.50
CA GLY A 186 -20.02 5.23 -4.49
C GLY A 186 -19.36 3.88 -4.69
N ILE A 187 -19.91 2.89 -3.99
CA ILE A 187 -19.30 1.57 -3.94
C ILE A 187 -19.55 0.80 -5.22
N SER A 188 -20.83 0.54 -5.54
CA SER A 188 -21.14 -0.32 -6.67
C SER A 188 -20.98 0.41 -8.01
N LYS A 189 -21.42 1.66 -8.08
CA LYS A 189 -21.35 2.41 -9.33
C LYS A 189 -20.03 3.15 -9.52
N GLY A 190 -19.19 3.21 -8.48
CA GLY A 190 -17.90 3.85 -8.59
C GLY A 190 -16.75 2.87 -8.46
N ILE A 191 -16.44 2.46 -7.24
CA ILE A 191 -15.28 1.60 -6.99
C ILE A 191 -15.44 0.29 -7.74
N GLU A 192 -16.61 -0.34 -7.64
CA GLU A 192 -16.80 -1.65 -8.23
C GLU A 192 -16.73 -1.60 -9.75
N ARG A 193 -17.47 -0.67 -10.37
CA ARG A 193 -17.39 -0.52 -11.82
C ARG A 193 -15.96 -0.32 -12.28
N PHE A 194 -15.21 0.57 -11.62
CA PHE A 194 -13.86 0.87 -12.07
C PHE A 194 -12.95 -0.35 -11.94
N ALA A 195 -13.09 -1.11 -10.84
CA ALA A 195 -12.24 -2.28 -10.65
C ALA A 195 -12.41 -3.29 -11.77
N LYS A 196 -13.63 -3.43 -12.29
CA LYS A 196 -13.86 -4.38 -13.38
C LYS A 196 -13.12 -3.96 -14.64
N ILE A 197 -12.89 -2.67 -14.81
CA ILE A 197 -12.11 -2.17 -15.95
C ILE A 197 -10.63 -2.16 -15.64
N ALA A 198 -10.25 -1.72 -14.44
CA ALA A 198 -8.85 -1.46 -14.14
C ALA A 198 -8.04 -2.73 -13.93
N MET A 199 -8.64 -3.75 -13.31
CA MET A 199 -7.87 -4.93 -12.94
C MET A 199 -7.53 -5.76 -14.18
N PRO A 200 -8.46 -5.99 -15.10
CA PRO A 200 -8.08 -6.66 -16.36
C PRO A 200 -7.02 -5.88 -17.13
N THR A 201 -7.19 -4.57 -17.27
CA THR A 201 -6.17 -3.74 -17.90
C THR A 201 -4.82 -3.90 -17.20
N LEU A 202 -4.82 -3.81 -15.87
CA LEU A 202 -3.61 -3.93 -15.08
C LEU A 202 -2.91 -5.26 -15.36
N PHE A 203 -3.66 -6.34 -15.36
CA PHE A 203 -3.12 -7.71 -15.55
C PHE A 203 -2.49 -7.82 -16.94
N ILE A 204 -3.14 -7.29 -17.97
CA ILE A 204 -2.63 -7.41 -19.33
C ILE A 204 -1.34 -6.60 -19.49
N LEU A 205 -1.34 -5.35 -18.99
CA LEU A 205 -0.14 -4.54 -19.08
C LEU A 205 1.03 -5.20 -18.39
N ALA A 206 0.82 -5.74 -17.19
CA ALA A 206 1.89 -6.37 -16.43
C ALA A 206 2.43 -7.59 -17.17
N VAL A 207 1.56 -8.44 -17.69
CA VAL A 207 2.01 -9.64 -18.38
C VAL A 207 2.82 -9.26 -19.61
N PHE A 208 2.37 -8.25 -20.36
CA PHE A 208 3.11 -7.81 -21.54
C PHE A 208 4.49 -7.29 -21.16
N LEU A 209 4.58 -6.55 -20.05
CA LEU A 209 5.87 -6.02 -19.63
C LEU A 209 6.81 -7.12 -19.15
N VAL A 210 6.26 -8.12 -18.45
CA VAL A 210 7.07 -9.27 -18.06
C VAL A 210 7.65 -9.94 -19.30
N ILE A 211 6.81 -10.19 -20.31
CA ILE A 211 7.27 -10.85 -21.53
C ILE A 211 8.36 -10.01 -22.18
N ARG A 212 8.14 -8.70 -22.28
CA ARG A 212 9.16 -7.84 -22.89
C ARG A 212 10.45 -7.87 -22.09
N VAL A 213 10.38 -7.86 -20.77
CA VAL A 213 11.57 -7.82 -19.87
C VAL A 213 12.31 -9.15 -19.95
N PHE A 214 11.59 -10.25 -20.18
CA PHE A 214 12.18 -11.61 -20.27
C PHE A 214 13.05 -11.72 -21.52
N LEU A 215 12.85 -10.88 -22.51
CA LEU A 215 13.64 -10.87 -23.76
C LEU A 215 14.93 -10.05 -23.62
N LEU A 216 15.16 -9.44 -22.47
CA LEU A 216 16.34 -8.58 -22.28
C LEU A 216 17.59 -9.46 -22.13
N GLU A 217 18.66 -9.16 -22.86
CA GLU A 217 19.93 -9.86 -22.72
C GLU A 217 21.04 -8.90 -23.11
N THR A 218 22.03 -8.76 -22.23
CA THR A 218 23.16 -7.87 -22.42
C THR A 218 24.43 -8.63 -22.08
N PRO A 219 25.60 -8.04 -22.33
CA PRO A 219 26.85 -8.68 -21.92
C PRO A 219 26.93 -8.93 -20.42
N ASN A 220 26.07 -8.31 -19.62
CA ASN A 220 26.09 -8.44 -18.17
C ASN A 220 25.13 -9.50 -17.64
N GLY A 221 24.18 -9.97 -18.43
CA GLY A 221 23.30 -11.02 -18.00
C GLY A 221 21.99 -11.03 -18.78
N THR A 222 21.10 -11.91 -18.34
CA THR A 222 19.78 -12.06 -18.90
C THR A 222 18.73 -11.83 -17.80
N ALA A 223 17.47 -11.68 -18.23
CA ALA A 223 16.39 -11.60 -17.26
C ALA A 223 16.34 -12.85 -16.38
N ALA A 224 16.76 -14.00 -16.92
CA ALA A 224 16.80 -15.22 -16.13
C ALA A 224 17.69 -15.06 -14.89
N ASP A 225 18.84 -14.38 -15.06
CA ASP A 225 19.72 -14.15 -13.92
C ASP A 225 19.00 -13.42 -12.79
N GLY A 226 18.07 -12.54 -13.13
CA GLY A 226 17.32 -11.84 -12.09
C GLY A 226 16.35 -12.77 -11.37
N LEU A 227 15.73 -13.70 -12.09
CA LEU A 227 14.81 -14.64 -11.46
C LEU A 227 15.55 -15.62 -10.55
N ASN A 228 16.77 -16.02 -10.92
CA ASN A 228 17.55 -16.89 -10.05
C ASN A 228 17.94 -16.17 -8.76
N PHE A 229 18.23 -14.87 -8.86
CA PHE A 229 18.58 -14.11 -7.67
C PHE A 229 17.39 -13.99 -6.72
N LEU A 230 16.18 -13.87 -7.27
CA LEU A 230 15.00 -13.67 -6.44
C LEU A 230 14.47 -14.96 -5.85
N TRP A 231 14.66 -16.09 -6.53
CA TRP A 231 14.02 -17.34 -6.16
C TRP A 231 15.01 -18.41 -5.73
N THR A 232 16.21 -18.03 -5.29
CA THR A 232 17.20 -18.99 -4.81
C THR A 232 17.32 -18.87 -3.29
N PRO A 233 16.89 -19.87 -2.52
CA PRO A 233 16.95 -19.73 -1.06
C PRO A 233 18.35 -19.45 -0.54
N ASP A 234 18.42 -18.70 0.55
CA ASP A 234 19.64 -18.48 1.31
C ASP A 234 19.28 -18.67 2.78
N PHE A 235 19.49 -19.86 3.33
CA PHE A 235 19.08 -20.23 4.71
C PHE A 235 19.94 -19.56 5.74
N GLU A 236 21.05 -18.92 5.38
CA GLU A 236 21.87 -18.26 6.38
C GLU A 236 21.18 -17.01 6.91
N LYS A 237 20.36 -16.36 6.09
CA LYS A 237 19.72 -15.11 6.46
C LYS A 237 18.45 -15.31 7.28
N LEU A 238 18.05 -16.56 7.52
CA LEU A 238 16.89 -16.89 8.36
C LEU A 238 17.16 -16.43 9.80
N LYS A 239 18.39 -16.22 10.19
CA LYS A 239 18.71 -15.76 11.55
C LYS A 239 18.75 -14.24 11.66
N ASP A 240 18.64 -13.46 10.58
CA ASP A 240 18.72 -12.01 10.64
C ASP A 240 17.35 -11.42 10.95
N PRO A 241 17.16 -10.76 12.10
CA PRO A 241 15.85 -10.17 12.38
C PRO A 241 15.43 -9.11 11.36
N GLY A 242 16.40 -8.41 10.76
CA GLY A 242 16.05 -7.35 9.83
C GLY A 242 15.27 -7.85 8.63
N VAL A 243 15.60 -9.04 8.14
CA VAL A 243 14.87 -9.59 6.99
C VAL A 243 13.43 -9.93 7.40
N TRP A 244 13.27 -10.54 8.58
CA TRP A 244 11.92 -10.83 9.06
C TRP A 244 11.10 -9.56 9.24
N ILE A 245 11.72 -8.52 9.79
CA ILE A 245 11.04 -7.22 9.92
C ILE A 245 10.63 -6.71 8.54
N ALA A 246 11.55 -6.78 7.58
CA ALA A 246 11.24 -6.30 6.23
C ALA A 246 10.13 -7.12 5.59
N ALA A 247 10.15 -8.44 5.78
CA ALA A 247 9.17 -9.31 5.15
C ALA A 247 7.77 -9.06 5.70
N VAL A 248 7.65 -8.95 7.03
CA VAL A 248 6.33 -8.75 7.63
C VAL A 248 5.79 -7.37 7.28
N GLY A 249 6.67 -6.36 7.25
CA GLY A 249 6.22 -5.03 6.86
C GLY A 249 5.68 -4.99 5.44
N GLN A 250 6.34 -5.70 4.52
CA GLN A 250 5.86 -5.78 3.15
C GLN A 250 4.53 -6.52 3.07
N ILE A 251 4.37 -7.58 3.84
CA ILE A 251 3.12 -8.37 3.87
C ILE A 251 1.98 -7.43 4.30
N PHE A 252 2.18 -6.67 5.34
CA PHE A 252 1.17 -5.72 5.82
C PHE A 252 0.84 -4.72 4.72
N PHE A 253 1.86 -4.09 4.18
CA PHE A 253 1.70 -3.03 3.16
C PHE A 253 1.01 -3.56 1.92
N THR A 254 1.45 -4.70 1.40
CA THR A 254 0.96 -5.15 0.10
C THR A 254 -0.47 -5.67 0.16
N LEU A 255 -0.92 -6.15 1.31
CA LEU A 255 -2.27 -6.72 1.48
C LEU A 255 -3.19 -5.66 2.05
N SER A 256 -2.74 -4.42 2.26
CA SER A 256 -3.52 -3.32 2.88
C SER A 256 -3.95 -3.70 4.30
N LEU A 257 -3.20 -4.51 5.01
CA LEU A 257 -3.59 -4.92 6.37
C LEU A 257 -3.14 -3.86 7.35
N GLY A 258 -3.94 -3.61 8.39
CA GLY A 258 -3.68 -2.56 9.34
C GLY A 258 -3.99 -1.17 8.83
N PHE A 259 -4.63 -1.01 7.69
CA PHE A 259 -4.99 0.31 7.14
C PHE A 259 -6.45 0.63 7.45
N GLY A 260 -7.20 -0.30 8.04
CA GLY A 260 -8.64 -0.11 8.16
C GLY A 260 -9.38 -0.13 6.84
N ALA A 261 -8.70 -0.39 5.73
CA ALA A 261 -9.29 -0.29 4.40
C ALA A 261 -9.98 -1.58 3.98
N ILE A 262 -9.37 -2.73 4.28
CA ILE A 262 -10.07 -3.99 4.06
C ILE A 262 -11.34 -4.04 4.88
N ILE A 263 -11.28 -3.53 6.12
CA ILE A 263 -12.44 -3.53 6.99
C ILE A 263 -13.57 -2.71 6.37
N THR A 264 -13.26 -1.51 5.89
CA THR A 264 -14.30 -0.65 5.34
C THR A 264 -14.90 -1.25 4.07
N TYR A 265 -14.07 -1.83 3.19
CA TYR A 265 -14.60 -2.49 2.00
C TYR A 265 -15.53 -3.64 2.39
N ALA A 266 -15.14 -4.43 3.39
CA ALA A 266 -15.95 -5.57 3.79
C ALA A 266 -17.24 -5.15 4.49
N SER A 267 -17.31 -3.91 4.99
CA SER A 267 -18.56 -3.43 5.59
C SER A 267 -19.67 -3.31 4.57
N TYR A 268 -19.37 -3.36 3.28
CA TYR A 268 -20.37 -3.34 2.22
C TYR A 268 -20.68 -4.74 1.71
N VAL A 269 -20.11 -5.77 2.32
CA VAL A 269 -20.48 -7.14 2.03
C VAL A 269 -21.74 -7.49 2.82
N ARG A 270 -22.68 -8.15 2.17
CA ARG A 270 -23.92 -8.51 2.84
C ARG A 270 -23.66 -9.46 3.99
N LYS A 271 -24.51 -9.37 5.02
CA LYS A 271 -24.24 -10.05 6.29
C LYS A 271 -24.10 -11.56 6.10
N ASP A 272 -24.81 -12.14 5.13
CA ASP A 272 -24.80 -13.57 4.90
C ASP A 272 -23.71 -14.02 3.94
N GLN A 273 -23.06 -13.09 3.24
CA GLN A 273 -22.20 -13.43 2.12
C GLN A 273 -20.85 -13.95 2.59
N ASP A 274 -20.31 -14.90 1.82
CA ASP A 274 -19.03 -15.50 2.16
C ASP A 274 -17.93 -14.46 2.24
N ILE A 275 -17.04 -14.63 3.21
CA ILE A 275 -15.80 -13.86 3.28
C ILE A 275 -14.56 -14.76 3.34
N VAL A 276 -14.73 -16.05 3.63
CA VAL A 276 -13.56 -16.94 3.72
C VAL A 276 -12.94 -17.13 2.35
N LEU A 277 -13.71 -17.59 1.38
CA LEU A 277 -13.18 -17.81 0.04
C LEU A 277 -12.89 -16.49 -0.66
N SER A 278 -13.77 -15.51 -0.48
CA SER A 278 -13.55 -14.21 -1.12
C SER A 278 -12.28 -13.56 -0.61
N GLY A 279 -12.06 -13.59 0.70
CA GLY A 279 -10.86 -12.98 1.26
C GLY A 279 -9.60 -13.70 0.83
N LEU A 280 -9.63 -15.03 0.81
CA LEU A 280 -8.46 -15.79 0.35
C LEU A 280 -8.16 -15.50 -1.11
N THR A 281 -9.19 -15.39 -1.94
CA THR A 281 -8.96 -15.14 -3.36
C THR A 281 -8.32 -13.77 -3.58
N ALA A 282 -8.84 -12.74 -2.92
CA ALA A 282 -8.23 -11.42 -3.03
C ALA A 282 -6.79 -11.44 -2.54
N ALA A 283 -6.53 -12.14 -1.44
CA ALA A 283 -5.16 -12.25 -0.94
C ALA A 283 -4.27 -13.01 -1.91
N THR A 284 -4.80 -14.07 -2.51
CA THR A 284 -4.01 -14.87 -3.45
C THR A 284 -3.75 -14.10 -4.74
N LEU A 285 -4.75 -13.35 -5.22
CA LEU A 285 -4.54 -12.53 -6.40
C LEU A 285 -3.42 -11.53 -6.19
N ASN A 286 -3.40 -10.88 -5.01
CA ASN A 286 -2.35 -9.91 -4.75
C ASN A 286 -0.96 -10.53 -4.77
N GLU A 287 -0.82 -11.71 -4.12
CA GLU A 287 0.49 -12.33 -4.06
C GLU A 287 0.97 -12.76 -5.43
N LYS A 288 0.06 -13.25 -6.29
CA LYS A 288 0.44 -13.54 -7.66
C LYS A 288 0.93 -12.29 -8.37
N ALA A 289 0.17 -11.20 -8.26
CA ALA A 289 0.60 -9.94 -8.86
C ALA A 289 1.91 -9.46 -8.27
N GLU A 290 2.18 -9.79 -7.01
CA GLU A 290 3.40 -9.32 -6.35
C GLU A 290 4.62 -10.12 -6.81
N VAL A 291 4.61 -11.44 -6.58
CA VAL A 291 5.83 -12.21 -6.77
C VAL A 291 6.01 -12.64 -8.23
N ILE A 292 4.93 -12.82 -8.98
CA ILE A 292 5.05 -13.23 -10.38
C ILE A 292 5.22 -12.03 -11.30
N LEU A 293 4.36 -11.01 -11.16
CA LEU A 293 4.39 -9.86 -12.05
C LEU A 293 5.37 -8.79 -11.54
N GLY A 294 5.13 -8.28 -10.33
CA GLY A 294 6.03 -7.27 -9.79
C GLY A 294 7.45 -7.76 -9.67
N GLY A 295 7.63 -9.02 -9.28
CA GLY A 295 8.96 -9.57 -9.10
C GLY A 295 9.69 -9.85 -10.40
N SER A 296 8.98 -9.93 -11.52
CA SER A 296 9.58 -10.33 -12.78
C SER A 296 9.83 -9.16 -13.74
N ILE A 297 9.55 -7.93 -13.33
CA ILE A 297 9.75 -6.78 -14.21
C ILE A 297 11.04 -6.06 -13.83
N SER A 298 11.04 -5.39 -12.67
CA SER A 298 12.12 -4.46 -12.35
C SER A 298 13.43 -5.19 -12.10
N ILE A 299 13.43 -6.17 -11.20
CA ILE A 299 14.68 -6.84 -10.83
C ILE A 299 15.31 -7.55 -12.02
N PRO A 300 14.60 -8.37 -12.79
CA PRO A 300 15.24 -9.01 -13.95
C PRO A 300 15.77 -8.01 -14.96
N ALA A 301 15.06 -6.90 -15.17
CA ALA A 301 15.56 -5.89 -16.10
C ALA A 301 16.84 -5.26 -15.58
N ALA A 302 16.89 -4.96 -14.28
CA ALA A 302 18.08 -4.35 -13.70
C ALA A 302 19.25 -5.33 -13.67
N VAL A 303 18.99 -6.58 -13.30
CA VAL A 303 20.05 -7.58 -13.26
C VAL A 303 20.58 -7.85 -14.66
N ALA A 304 19.68 -7.96 -15.65
CA ALA A 304 20.11 -8.24 -17.01
C ALA A 304 21.08 -7.19 -17.52
N PHE A 305 20.81 -5.91 -17.23
CA PHE A 305 21.62 -4.83 -17.78
C PHE A 305 22.84 -4.52 -16.93
N PHE A 306 22.78 -4.71 -15.61
CA PHE A 306 23.85 -4.31 -14.71
C PHE A 306 24.47 -5.45 -13.92
N GLY A 307 23.82 -6.60 -13.83
CA GLY A 307 24.25 -7.66 -12.95
C GLY A 307 23.70 -7.51 -11.55
N VAL A 308 23.79 -8.54 -10.71
CA VAL A 308 23.15 -8.65 -9.39
C VAL A 308 23.75 -7.59 -8.49
N ALA A 309 25.06 -7.48 -8.41
CA ALA A 309 25.65 -6.58 -7.41
C ALA A 309 25.28 -5.13 -7.69
N ASN A 310 25.33 -4.71 -8.95
CA ASN A 310 24.95 -3.33 -9.27
C ASN A 310 23.45 -3.13 -9.11
N ALA A 311 22.64 -4.12 -9.49
CA ALA A 311 21.20 -4.00 -9.31
C ALA A 311 20.85 -3.86 -7.83
N VAL A 312 21.49 -4.68 -6.98
CA VAL A 312 21.24 -4.58 -5.54
C VAL A 312 21.63 -3.19 -5.03
N ALA A 313 22.79 -2.69 -5.45
CA ALA A 313 23.22 -1.38 -5.01
C ALA A 313 22.26 -0.30 -5.47
N ILE A 314 21.72 -0.43 -6.69
CA ILE A 314 20.72 0.52 -7.18
C ILE A 314 19.49 0.49 -6.30
N ALA A 315 19.05 -0.70 -5.90
CA ALA A 315 17.86 -0.81 -5.04
C ALA A 315 18.10 -0.16 -3.70
N LYS A 316 19.30 -0.32 -3.13
CA LYS A 316 19.59 0.25 -1.82
C LYS A 316 19.74 1.77 -1.88
N ALA A 317 20.15 2.32 -2.99
CA ALA A 317 20.48 3.75 -3.14
C ALA A 317 19.24 4.58 -2.92
N GLY A 318 18.10 4.03 -3.30
CA GLY A 318 16.78 4.64 -3.14
C GLY A 318 15.70 3.60 -3.30
N ALA A 319 14.49 4.04 -3.06
CA ALA A 319 13.17 3.39 -3.13
C ALA A 319 12.51 3.76 -4.45
N PHE A 320 12.82 4.91 -5.02
CA PHE A 320 12.27 5.28 -6.32
C PHE A 320 13.28 5.14 -7.46
N ASN A 321 14.53 4.81 -7.16
CA ASN A 321 15.55 4.65 -8.19
C ASN A 321 15.15 3.61 -9.22
N LEU A 322 14.76 2.42 -8.75
CA LEU A 322 14.52 1.30 -9.63
C LEU A 322 13.34 1.58 -10.57
N GLY A 323 12.24 2.10 -10.02
CA GLY A 323 11.02 2.21 -10.81
C GLY A 323 10.92 3.46 -11.65
N PHE A 324 11.50 4.58 -11.19
CA PHE A 324 11.38 5.85 -11.88
C PHE A 324 12.62 6.27 -12.64
N ILE A 325 13.79 5.70 -12.35
CA ILE A 325 15.03 6.08 -13.00
C ILE A 325 15.58 4.91 -13.80
N THR A 326 15.87 3.80 -13.12
CA THR A 326 16.61 2.72 -13.76
C THR A 326 15.79 2.04 -14.86
N LEU A 327 14.55 1.65 -14.56
CA LEU A 327 13.77 0.91 -15.55
C LEU A 327 13.51 1.73 -16.80
N PRO A 328 13.03 2.97 -16.74
CA PRO A 328 12.91 3.76 -17.97
C PRO A 328 14.22 3.95 -18.70
N ALA A 329 15.34 4.06 -17.96
CA ALA A 329 16.63 4.17 -18.61
C ALA A 329 16.98 2.89 -19.37
N ILE A 330 16.74 1.74 -18.75
CA ILE A 330 16.95 0.46 -19.44
C ILE A 330 16.07 0.39 -20.68
N PHE A 331 14.78 0.72 -20.54
CA PHE A 331 13.88 0.68 -21.68
C PHE A 331 14.37 1.58 -22.81
N SER A 332 14.93 2.75 -22.47
CA SER A 332 15.38 3.68 -23.50
C SER A 332 16.40 3.06 -24.45
N GLN A 333 17.07 2.00 -24.03
CA GLN A 333 18.08 1.36 -24.87
C GLN A 333 17.47 0.37 -25.86
N THR A 334 16.14 0.24 -25.91
CA THR A 334 15.47 -0.71 -26.79
C THR A 334 14.49 0.02 -27.69
N ALA A 335 14.29 -0.51 -28.90
CA ALA A 335 13.36 0.09 -29.85
C ALA A 335 11.96 0.13 -29.26
N GLY A 336 11.34 1.30 -29.32
CA GLY A 336 10.04 1.49 -28.69
C GLY A 336 10.10 1.61 -27.19
N GLY A 337 11.29 1.84 -26.62
CA GLY A 337 11.44 1.87 -25.18
C GLY A 337 10.70 3.02 -24.52
N THR A 338 10.53 4.14 -25.21
CA THR A 338 9.76 5.23 -24.64
C THR A 338 8.30 4.83 -24.44
N PHE A 339 7.73 4.12 -25.42
CA PHE A 339 6.35 3.65 -25.27
C PHE A 339 6.26 2.59 -24.19
N LEU A 340 7.25 1.70 -24.10
CA LEU A 340 7.29 0.75 -22.99
C LEU A 340 7.31 1.47 -21.65
N GLY A 341 8.09 2.55 -21.54
CA GLY A 341 8.06 3.36 -20.34
C GLY A 341 6.67 3.87 -20.03
N PHE A 342 5.95 4.32 -21.06
CA PHE A 342 4.57 4.76 -20.87
C PHE A 342 3.70 3.64 -20.32
N LEU A 343 3.82 2.44 -20.89
CA LEU A 343 3.02 1.31 -20.42
C LEU A 343 3.34 0.99 -18.96
N TRP A 344 4.61 1.08 -18.59
CA TRP A 344 5.02 0.84 -17.20
C TRP A 344 4.40 1.86 -16.26
N PHE A 345 4.47 3.14 -16.62
CA PHE A 345 3.93 4.16 -15.72
C PHE A 345 2.41 4.18 -15.76
N PHE A 346 1.80 3.83 -16.89
CA PHE A 346 0.35 3.67 -16.92
C PHE A 346 -0.08 2.51 -16.03
N LEU A 347 0.66 1.40 -16.08
CA LEU A 347 0.43 0.30 -15.16
C LEU A 347 0.50 0.77 -13.71
N LEU A 348 1.57 1.49 -13.35
CA LEU A 348 1.70 1.95 -11.97
C LEU A 348 0.53 2.86 -11.58
N PHE A 349 0.08 3.70 -12.51
CA PHE A 349 -1.00 4.63 -12.19
C PHE A 349 -2.28 3.88 -11.86
N PHE A 350 -2.69 2.92 -12.70
CA PHE A 350 -3.89 2.15 -12.41
C PHE A 350 -3.74 1.34 -11.14
N ALA A 351 -2.56 0.74 -10.95
CA ALA A 351 -2.30 0.03 -9.69
C ALA A 351 -2.45 0.97 -8.50
N GLY A 352 -1.96 2.18 -8.62
CA GLY A 352 -2.03 3.19 -7.57
C GLY A 352 -3.45 3.67 -7.37
N LEU A 353 -4.15 3.94 -8.45
CA LEU A 353 -5.49 4.52 -8.37
C LEU A 353 -6.47 3.57 -7.69
N THR A 354 -6.41 2.28 -8.04
CA THR A 354 -7.31 1.32 -7.42
C THR A 354 -7.01 1.14 -5.94
N SER A 355 -5.82 1.49 -5.49
CA SER A 355 -5.43 1.41 -4.06
C SER A 355 -5.77 2.73 -3.36
N SER A 356 -5.62 3.86 -4.00
CA SER A 356 -5.84 5.13 -3.31
C SER A 356 -7.31 5.39 -3.05
N ILE A 357 -8.20 4.92 -3.94
CA ILE A 357 -9.62 5.03 -3.62
C ILE A 357 -9.95 4.14 -2.42
N ALA A 358 -9.23 3.03 -2.25
CA ALA A 358 -9.50 2.13 -1.14
C ALA A 358 -9.09 2.74 0.20
N ILE A 359 -7.96 3.43 0.25
CA ILE A 359 -7.47 3.98 1.54
C ILE A 359 -8.11 5.33 1.85
N MET A 360 -8.83 5.96 0.94
CA MET A 360 -9.58 7.16 1.27
C MET A 360 -11.02 6.86 1.66
N GLN A 361 -11.54 5.68 1.32
CA GLN A 361 -12.92 5.31 1.59
C GLN A 361 -13.18 5.19 3.10
N PRO A 362 -12.21 4.79 3.93
CA PRO A 362 -12.50 4.76 5.37
C PRO A 362 -12.92 6.11 5.95
N MET A 363 -12.20 7.19 5.59
CA MET A 363 -12.62 8.51 6.05
C MET A 363 -13.98 8.88 5.48
N ILE A 364 -14.23 8.52 4.23
CA ILE A 364 -15.54 8.77 3.63
C ILE A 364 -16.63 8.01 4.38
N ALA A 365 -16.37 6.73 4.67
CA ALA A 365 -17.38 5.93 5.35
C ALA A 365 -17.64 6.46 6.75
N PHE A 366 -16.60 6.96 7.42
CA PHE A 366 -16.79 7.51 8.76
C PHE A 366 -17.68 8.76 8.72
N LEU A 367 -17.41 9.66 7.78
CA LEU A 367 -18.23 10.87 7.67
C LEU A 367 -19.67 10.53 7.29
N GLU A 368 -19.86 9.51 6.46
CA GLU A 368 -21.21 9.07 6.12
C GLU A 368 -21.87 8.36 7.28
N ASP A 369 -21.19 7.35 7.85
CA ASP A 369 -21.82 6.49 8.84
C ASP A 369 -22.04 7.22 10.16
N GLU A 370 -21.02 7.91 10.65
CA GLU A 370 -21.04 8.44 12.02
C GLU A 370 -21.45 9.90 12.10
N LEU A 371 -21.07 10.73 11.13
CA LEU A 371 -21.50 12.13 11.11
C LEU A 371 -22.62 12.39 10.12
N LYS A 372 -23.08 11.38 9.40
CA LYS A 372 -24.28 11.46 8.57
C LYS A 372 -24.15 12.48 7.45
N LEU A 373 -22.93 12.68 6.96
CA LEU A 373 -22.73 13.48 5.76
C LEU A 373 -23.19 12.72 4.53
N SER A 374 -23.64 13.46 3.53
CA SER A 374 -23.90 12.88 2.23
C SER A 374 -22.59 12.37 1.63
N ARG A 375 -22.70 11.39 0.73
CA ARG A 375 -21.49 10.87 0.08
C ARG A 375 -20.74 11.97 -0.64
N LYS A 376 -21.47 12.89 -1.28
CA LYS A 376 -20.83 14.00 -1.98
C LYS A 376 -19.96 14.81 -1.03
N HIS A 377 -20.54 15.27 0.08
CA HIS A 377 -19.78 16.08 1.02
C HIS A 377 -18.67 15.28 1.69
N ALA A 378 -18.93 14.01 2.01
CA ALA A 378 -17.90 13.18 2.63
C ALA A 378 -16.69 13.02 1.72
N VAL A 379 -16.94 12.80 0.42
CA VAL A 379 -15.85 12.64 -0.53
C VAL A 379 -15.08 13.96 -0.69
N LEU A 380 -15.81 15.06 -0.84
CA LEU A 380 -15.15 16.34 -1.10
C LEU A 380 -14.33 16.81 0.10
N TRP A 381 -14.85 16.59 1.31
CA TRP A 381 -14.09 16.99 2.50
C TRP A 381 -12.87 16.08 2.69
N THR A 382 -13.02 14.78 2.40
CA THR A 382 -11.87 13.88 2.48
C THR A 382 -10.80 14.27 1.48
N ALA A 383 -11.20 14.57 0.24
CA ALA A 383 -10.24 15.00 -0.76
C ALA A 383 -9.57 16.32 -0.35
N ALA A 384 -10.34 17.23 0.25
CA ALA A 384 -9.77 18.49 0.70
C ALA A 384 -8.71 18.27 1.76
N ILE A 385 -8.97 17.38 2.72
CA ILE A 385 -8.00 17.11 3.78
C ILE A 385 -6.72 16.50 3.18
N VAL A 386 -6.88 15.56 2.26
CA VAL A 386 -5.72 14.91 1.65
C VAL A 386 -4.95 15.90 0.77
N PHE A 387 -5.67 16.66 -0.06
CA PHE A 387 -5.01 17.61 -0.95
C PHE A 387 -4.23 18.66 -0.16
N PHE A 388 -4.87 19.25 0.86
CA PHE A 388 -4.18 20.24 1.67
C PHE A 388 -2.95 19.63 2.36
N SER A 389 -3.13 18.52 3.07
CA SER A 389 -2.04 17.93 3.83
C SER A 389 -0.88 17.52 2.93
N ALA A 390 -1.17 17.14 1.69
CA ALA A 390 -0.12 16.66 0.79
C ALA A 390 0.91 17.73 0.47
N HIS A 391 0.58 19.01 0.69
CA HIS A 391 1.55 20.06 0.44
C HIS A 391 2.77 19.91 1.34
N LEU A 392 2.60 19.27 2.50
CA LEU A 392 3.75 18.98 3.34
C LEU A 392 4.69 17.99 2.65
N VAL A 393 4.12 16.93 2.06
CA VAL A 393 4.92 15.93 1.36
C VAL A 393 5.49 16.49 0.07
N MET A 394 4.81 17.46 -0.54
CA MET A 394 5.26 18.00 -1.82
C MET A 394 6.45 18.94 -1.65
N PHE A 395 6.55 19.65 -0.52
CA PHE A 395 7.50 20.74 -0.37
C PHE A 395 8.57 20.53 0.70
N LEU A 396 8.41 19.56 1.60
CA LEU A 396 9.36 19.34 2.68
C LEU A 396 10.09 18.02 2.44
N ASN A 397 11.40 18.10 2.27
CA ASN A 397 12.19 16.92 1.95
C ASN A 397 12.12 15.91 3.09
N LYS A 398 11.83 14.65 2.74
CA LYS A 398 11.77 13.51 3.64
C LYS A 398 10.53 13.49 4.53
N SER A 399 9.61 14.45 4.37
CA SER A 399 8.32 14.32 5.04
C SER A 399 7.61 13.04 4.59
N LEU A 400 7.65 12.76 3.29
CA LEU A 400 7.11 11.51 2.77
C LEU A 400 7.65 10.32 3.54
N ASP A 401 8.97 10.29 3.78
CA ASP A 401 9.57 9.18 4.50
C ASP A 401 9.03 9.07 5.91
N GLU A 402 8.89 10.20 6.61
CA GLU A 402 8.42 10.18 7.99
C GLU A 402 7.00 9.63 8.08
N MET A 403 6.11 10.06 7.16
CA MET A 403 4.75 9.55 7.18
C MET A 403 4.71 8.05 6.86
N ASP A 404 5.52 7.62 5.89
CA ASP A 404 5.54 6.20 5.54
C ASP A 404 6.02 5.35 6.71
N PHE A 405 6.89 5.90 7.54
CA PHE A 405 7.39 5.13 8.68
C PHE A 405 6.33 5.00 9.77
N TRP A 406 5.76 6.11 10.23
CA TRP A 406 4.86 6.06 11.37
C TRP A 406 3.53 5.40 11.01
N ALA A 407 2.97 5.74 9.85
CA ALA A 407 1.69 5.18 9.44
C ALA A 407 1.85 3.90 8.63
N GLY A 408 2.66 3.96 7.56
CA GLY A 408 2.76 2.85 6.62
C GLY A 408 3.66 1.71 7.05
N THR A 409 4.42 1.87 8.14
CA THR A 409 5.36 0.84 8.57
C THR A 409 5.07 0.45 10.02
N ILE A 410 5.30 1.33 10.99
CA ILE A 410 5.02 1.01 12.39
C ILE A 410 3.51 0.90 12.60
N GLY A 411 2.75 1.86 12.06
CA GLY A 411 1.33 1.94 12.38
C GLY A 411 0.57 0.69 11.99
N VAL A 412 0.78 0.23 10.76
CA VAL A 412 0.03 -0.95 10.22
C VAL A 412 0.29 -2.17 11.10
N VAL A 413 1.51 -2.43 11.52
CA VAL A 413 1.81 -3.61 12.32
C VAL A 413 1.19 -3.48 13.70
N PHE A 414 1.36 -2.31 14.33
CA PHE A 414 0.73 -2.05 15.63
C PHE A 414 -0.78 -2.21 15.55
N PHE A 415 -1.41 -1.70 14.48
CA PHE A 415 -2.86 -1.77 14.38
C PHE A 415 -3.33 -3.18 14.06
N GLY A 416 -2.53 -3.96 13.33
CA GLY A 416 -2.89 -5.35 13.09
C GLY A 416 -2.90 -6.17 14.37
N LEU A 417 -1.90 -5.95 15.24
CA LEU A 417 -1.91 -6.62 16.53
C LEU A 417 -3.07 -6.14 17.38
N THR A 418 -3.36 -4.84 17.35
CA THR A 418 -4.47 -4.29 18.12
C THR A 418 -5.80 -4.91 17.69
N GLU A 419 -6.06 -4.95 16.39
CA GLU A 419 -7.35 -5.45 15.92
C GLU A 419 -7.49 -6.95 16.18
N LEU A 420 -6.38 -7.70 16.13
CA LEU A 420 -6.45 -9.12 16.46
C LEU A 420 -6.77 -9.32 17.93
N ILE A 421 -6.11 -8.56 18.81
CA ILE A 421 -6.35 -8.70 20.25
C ILE A 421 -7.79 -8.34 20.58
N ILE A 422 -8.32 -7.28 19.96
CA ILE A 422 -9.69 -6.86 20.25
C ILE A 422 -10.69 -7.91 19.76
N PHE A 423 -10.45 -8.48 18.58
CA PHE A 423 -11.43 -9.36 17.97
C PHE A 423 -11.32 -10.79 18.49
N PHE A 424 -10.10 -11.30 18.69
CA PHE A 424 -9.90 -12.69 19.01
C PHE A 424 -9.63 -12.96 20.48
N TRP A 425 -9.26 -11.95 21.26
CA TRP A 425 -9.07 -12.11 22.70
C TRP A 425 -10.16 -11.44 23.51
N ILE A 426 -10.45 -10.17 23.25
CA ILE A 426 -11.42 -9.44 24.06
C ILE A 426 -12.84 -9.80 23.64
N PHE A 427 -13.16 -9.62 22.35
CA PHE A 427 -14.48 -9.98 21.85
C PHE A 427 -14.76 -11.46 22.09
N GLY A 428 -13.75 -12.31 21.90
CA GLY A 428 -13.90 -13.74 22.16
C GLY A 428 -13.46 -14.59 20.99
N ALA A 429 -12.47 -15.45 21.23
CA ALA A 429 -11.93 -16.28 20.14
C ALA A 429 -13.01 -17.12 19.49
N ASP A 430 -13.91 -17.69 20.29
CA ASP A 430 -14.94 -18.56 19.74
C ASP A 430 -16.03 -17.76 19.02
N LYS A 431 -16.39 -16.59 19.55
CA LYS A 431 -17.30 -15.71 18.83
C LYS A 431 -16.66 -15.16 17.56
N ALA A 432 -15.38 -14.80 17.63
CA ALA A 432 -14.68 -14.35 16.43
C ALA A 432 -14.58 -15.45 15.40
N TRP A 433 -14.26 -16.67 15.84
CA TRP A 433 -14.13 -17.78 14.91
C TRP A 433 -15.46 -18.08 14.20
N GLU A 434 -16.57 -18.03 14.95
CA GLU A 434 -17.87 -18.25 14.32
C GLU A 434 -18.20 -17.14 13.34
N GLU A 435 -17.86 -15.90 13.68
CA GLU A 435 -18.19 -14.78 12.79
C GLU A 435 -17.43 -14.87 11.48
N ILE A 436 -16.15 -15.28 11.53
CA ILE A 436 -15.37 -15.43 10.31
C ILE A 436 -16.01 -16.45 9.39
N ASN A 437 -16.41 -17.60 9.95
CA ASN A 437 -16.84 -18.74 9.14
C ASN A 437 -18.31 -18.68 8.73
N ARG A 438 -19.12 -17.87 9.41
CA ARG A 438 -20.53 -17.78 9.07
C ARG A 438 -20.71 -17.39 7.60
N GLY A 439 -21.48 -18.20 6.88
CA GLY A 439 -21.73 -17.97 5.48
C GLY A 439 -20.60 -18.37 4.54
N GLY A 440 -19.55 -18.98 5.06
CA GLY A 440 -18.39 -19.28 4.23
C GLY A 440 -18.72 -20.35 3.20
N ILE A 441 -18.33 -20.10 1.95
CA ILE A 441 -18.37 -21.15 0.93
C ILE A 441 -17.43 -22.28 1.33
N ILE A 442 -16.30 -21.93 1.96
CA ILE A 442 -15.41 -22.89 2.59
C ILE A 442 -15.23 -22.49 4.05
N LYS A 443 -14.75 -23.44 4.85
CA LYS A 443 -14.40 -23.17 6.23
C LYS A 443 -12.92 -22.85 6.35
N VAL A 444 -12.59 -21.96 7.26
CA VAL A 444 -11.17 -21.74 7.57
C VAL A 444 -10.61 -23.01 8.21
N PRO A 445 -9.44 -23.50 7.77
CA PRO A 445 -8.89 -24.71 8.39
C PRO A 445 -8.74 -24.54 9.90
N ARG A 446 -8.99 -25.64 10.63
CA ARG A 446 -9.03 -25.56 12.08
C ARG A 446 -7.70 -25.14 12.67
N ILE A 447 -6.59 -25.46 12.01
CA ILE A 447 -5.24 -25.10 12.51
C ILE A 447 -5.16 -23.57 12.63
N TYR A 448 -5.87 -22.83 11.80
CA TYR A 448 -5.74 -21.38 11.80
C TYR A 448 -6.40 -20.74 13.01
N TYR A 449 -7.29 -21.45 13.70
CA TYR A 449 -7.82 -20.92 14.96
C TYR A 449 -6.71 -20.71 15.98
N TYR A 450 -5.77 -21.66 16.02
CA TYR A 450 -4.61 -21.66 16.93
C TYR A 450 -3.61 -20.61 16.45
N VAL A 451 -3.44 -20.49 15.14
CA VAL A 451 -2.57 -19.45 14.59
C VAL A 451 -3.08 -18.07 14.99
N MET A 452 -4.37 -17.82 14.76
CA MET A 452 -4.92 -16.51 15.06
C MET A 452 -4.86 -16.19 16.54
N ARG A 453 -5.18 -17.17 17.39
CA ARG A 453 -5.29 -16.90 18.82
C ARG A 453 -3.93 -16.78 19.49
N TYR A 454 -2.93 -17.54 19.04
CA TYR A 454 -1.65 -17.64 19.76
C TYR A 454 -0.45 -17.25 18.89
N ILE A 455 -0.25 -17.88 17.74
CA ILE A 455 0.96 -17.66 16.90
C ILE A 455 0.99 -16.25 16.32
N THR A 456 -0.04 -15.80 15.65
CA THR A 456 0.00 -14.48 15.02
C THR A 456 0.28 -13.37 16.03
N PRO A 457 -0.44 -13.26 17.16
CA PRO A 457 -0.14 -12.17 18.09
C PRO A 457 1.25 -12.25 18.69
N ALA A 458 1.75 -13.45 19.00
CA ALA A 458 3.10 -13.57 19.53
C ALA A 458 4.13 -13.22 18.47
N PHE A 459 3.95 -13.74 17.25
CA PHE A 459 4.83 -13.41 16.13
C PHE A 459 4.97 -11.90 15.97
N LEU A 460 3.85 -11.16 16.05
CA LEU A 460 3.89 -9.72 15.87
C LEU A 460 4.45 -9.01 17.11
N ALA A 461 4.07 -9.49 18.30
CA ALA A 461 4.57 -8.87 19.53
C ALA A 461 6.09 -8.93 19.59
N VAL A 462 6.67 -10.10 19.30
CA VAL A 462 8.12 -10.22 19.26
C VAL A 462 8.71 -9.26 18.23
N LEU A 463 8.15 -9.28 17.04
CA LEU A 463 8.56 -8.40 15.92
C LEU A 463 8.63 -6.95 16.40
N LEU A 464 7.55 -6.47 16.98
CA LEU A 464 7.48 -5.08 17.41
C LEU A 464 8.49 -4.78 18.52
N VAL A 465 8.78 -5.74 19.37
CA VAL A 465 9.73 -5.52 20.49
C VAL A 465 11.13 -5.38 19.89
N VAL A 466 11.60 -6.37 19.14
CA VAL A 466 12.93 -6.28 18.55
C VAL A 466 13.04 -5.05 17.65
N TRP A 467 11.95 -4.70 16.97
CA TRP A 467 11.90 -3.48 16.19
C TRP A 467 12.21 -2.27 17.06
N ALA A 468 11.47 -2.08 18.17
CA ALA A 468 11.48 -0.91 19.07
C ALA A 468 12.80 -0.83 19.81
N ARG A 469 13.40 -1.96 20.10
CA ARG A 469 14.65 -2.00 20.87
C ARG A 469 15.86 -1.77 19.98
N GLU A 470 16.08 -2.62 18.98
CA GLU A 470 17.33 -2.62 18.18
C GLU A 470 17.31 -1.85 16.87
N TYR A 471 16.28 -1.06 16.55
CA TYR A 471 16.23 -0.37 15.27
C TYR A 471 15.72 1.05 15.53
N ILE A 472 14.54 1.18 16.13
CA ILE A 472 13.89 2.47 16.24
C ILE A 472 14.65 3.59 16.94
N PRO A 473 15.45 3.32 17.99
CA PRO A 473 16.17 4.42 18.64
C PRO A 473 16.95 5.29 17.67
N LYS A 474 17.60 4.68 16.68
CA LYS A 474 18.34 5.46 15.70
C LYS A 474 17.48 6.54 15.06
N ILE A 475 16.23 6.20 14.80
CA ILE A 475 15.26 7.10 14.13
C ILE A 475 14.71 8.13 15.13
N MET A 476 14.90 7.97 16.43
CA MET A 476 14.41 8.99 17.39
C MET A 476 15.54 9.95 17.77
N GLU A 477 16.81 9.60 17.54
CA GLU A 477 17.95 10.47 17.88
C GLU A 477 18.77 10.94 16.67
N GLU A 478 18.73 10.30 15.49
CA GLU A 478 19.66 10.68 14.39
C GLU A 478 19.06 11.56 13.29
N THR A 479 17.75 11.66 13.09
CA THR A 479 17.19 12.36 11.94
C THR A 479 17.38 13.88 12.04
N HIS A 480 17.15 14.54 10.90
CA HIS A 480 17.18 15.98 10.81
C HIS A 480 16.00 16.58 11.57
N TRP A 481 16.18 17.82 12.04
CA TRP A 481 15.18 18.43 12.91
C TRP A 481 13.82 18.60 12.23
N THR A 482 13.79 18.69 10.90
CA THR A 482 12.53 18.89 10.20
C THR A 482 11.60 17.69 10.28
N VAL A 483 12.07 16.52 10.75
CA VAL A 483 11.15 15.41 10.95
C VAL A 483 10.06 15.79 11.94
N TRP A 484 10.37 16.68 12.88
CA TRP A 484 9.39 17.09 13.88
C TRP A 484 8.25 17.91 13.27
N ILE A 485 8.48 18.55 12.13
CA ILE A 485 7.39 19.22 11.43
C ILE A 485 6.33 18.21 11.03
N THR A 486 6.76 17.11 10.41
CA THR A 486 5.81 16.08 9.97
C THR A 486 5.18 15.37 11.15
N ARG A 487 5.98 15.03 12.16
CA ARG A 487 5.43 14.39 13.36
C ARG A 487 4.39 15.29 14.02
N PHE A 488 4.69 16.58 14.15
CA PHE A 488 3.73 17.51 14.73
C PHE A 488 2.44 17.51 13.93
N TYR A 489 2.53 17.58 12.61
CA TYR A 489 1.32 17.69 11.81
C TYR A 489 0.47 16.43 11.89
N ILE A 490 1.09 15.25 11.75
CA ILE A 490 0.28 14.03 11.75
C ILE A 490 -0.24 13.72 13.15
N ILE A 491 0.45 14.18 14.20
CA ILE A 491 -0.12 14.10 15.53
C ILE A 491 -1.35 15.00 15.64
N GLY A 492 -1.27 16.19 15.05
CA GLY A 492 -2.44 17.04 14.99
C GLY A 492 -3.59 16.40 14.25
N LEU A 493 -3.29 15.65 13.19
CA LEU A 493 -4.34 14.94 12.47
C LEU A 493 -5.01 13.91 13.36
N PHE A 494 -4.22 13.19 14.16
CA PHE A 494 -4.82 12.22 15.07
C PHE A 494 -5.76 12.90 16.06
N LEU A 495 -5.35 14.04 16.61
CA LEU A 495 -6.20 14.76 17.55
C LEU A 495 -7.46 15.28 16.86
N PHE A 496 -7.32 15.73 15.61
CA PHE A 496 -8.48 16.17 14.84
C PHE A 496 -9.48 15.04 14.65
N LEU A 497 -8.98 13.85 14.29
CA LEU A 497 -9.87 12.71 14.09
C LEU A 497 -10.49 12.25 15.41
N THR A 498 -9.73 12.33 16.51
CA THR A 498 -10.29 12.01 17.81
C THR A 498 -11.43 12.95 18.15
N PHE A 499 -11.29 14.23 17.81
CA PHE A 499 -12.36 15.19 18.06
C PHE A 499 -13.61 14.85 17.25
N LEU A 500 -13.42 14.38 16.01
CA LEU A 500 -14.57 14.00 15.19
C LEU A 500 -15.27 12.77 15.77
N VAL A 501 -14.52 11.80 16.27
CA VAL A 501 -15.13 10.66 16.95
C VAL A 501 -15.90 11.14 18.18
N PHE A 502 -15.35 12.11 18.90
CA PHE A 502 -16.06 12.70 20.03
C PHE A 502 -17.37 13.33 19.58
N LEU A 503 -17.34 14.06 18.47
CA LEU A 503 -18.56 14.68 17.96
C LEU A 503 -19.57 13.62 17.52
N ALA A 504 -19.09 12.53 16.91
CA ALA A 504 -19.99 11.46 16.52
C ALA A 504 -20.67 10.83 17.73
N GLU A 505 -19.92 10.68 18.83
CA GLU A 505 -20.53 10.24 20.08
C GLU A 505 -21.69 11.14 20.48
N ARG A 506 -21.44 12.45 20.55
CA ARG A 506 -22.46 13.37 21.03
C ARG A 506 -23.63 13.49 20.06
N ARG A 507 -23.43 13.18 18.79
CA ARG A 507 -24.54 13.20 17.85
C ARG A 507 -25.45 11.98 18.06
N ARG A 508 -24.86 10.83 18.38
CA ARG A 508 -25.68 9.65 18.66
C ARG A 508 -26.35 9.76 20.03
N ASN A 509 -25.66 10.38 21.00
CA ASN A 509 -26.28 10.63 22.29
C ASN A 509 -27.54 11.48 22.13
N HIS A 510 -27.45 12.54 21.34
CA HIS A 510 -28.55 13.53 21.12
C HIS A 510 -29.65 12.98 20.20
N GLU A 511 -29.33 12.08 19.28
CA GLU A 511 -30.32 11.48 18.36
C GLU A 511 -31.16 10.52 19.21
N ALA B . -1.95 -2.60 -0.75
CA ALA B . -1.60 -1.35 -1.41
C ALA B . -0.27 -1.48 -2.16
O ALA B . 0.35 -2.54 -2.13
CB ALA B . -1.54 -0.22 -0.39
OXT ALA B . 0.19 -0.55 -2.80
NA NA C . -0.22 -5.10 -2.81
NA NA D . -4.51 -0.81 -6.44
C1 BOG E . -5.95 -29.16 6.07
O1 BOG E . -4.82 -28.32 6.24
C2 BOG E . -5.72 -30.43 6.87
O2 BOG E . -4.66 -31.17 6.33
C3 BOG E . -6.95 -31.29 6.83
O3 BOG E . -6.74 -32.52 7.49
C4 BOG E . -8.01 -30.52 7.54
O4 BOG E . -9.21 -31.26 7.64
C5 BOG E . -8.26 -29.27 6.73
O5 BOG E . -7.08 -28.51 6.59
C6 BOG E . -9.32 -28.44 7.42
O6 BOG E . -9.00 -28.25 8.80
C1' BOG E . -4.84 -27.06 5.60
C2' BOG E . -3.44 -26.47 5.51
C3' BOG E . -3.31 -25.03 5.95
C4' BOG E . -2.08 -24.83 6.81
C5' BOG E . -1.48 -23.43 6.78
C6' BOG E . -1.39 -22.83 8.16
C7' BOG E . 0.02 -22.49 8.57
C1 BOG F . 5.79 24.50 -17.74
O1 BOG F . 4.41 24.55 -18.05
C2 BOG F . 6.65 24.58 -19.00
O2 BOG F . 7.85 23.86 -18.70
C3 BOG F . 7.14 25.94 -19.46
O3 BOG F . 6.18 26.79 -20.11
C4 BOG F . 7.65 26.60 -18.22
O4 BOG F . 8.69 25.74 -17.80
C5 BOG F . 6.56 26.76 -17.18
O5 BOG F . 6.08 25.49 -16.76
C6 BOG F . 5.40 27.63 -17.68
O6 BOG F . 4.85 28.46 -16.66
C1' BOG F . 3.80 23.28 -18.13
C2' BOG F . 2.33 23.30 -17.70
C3' BOG F . 1.56 22.21 -18.42
C4' BOG F . 0.17 21.95 -17.88
C5' BOG F . 0.00 20.47 -17.52
C6' BOG F . -0.75 19.67 -18.59
C7' BOG F . -1.58 18.54 -18.01
C1 BOG G . 3.15 26.27 -6.48
O1 BOG G . 2.20 25.65 -5.63
C2 BOG G . 3.65 25.31 -7.58
O2 BOG G . 4.52 24.29 -7.10
C3 BOG G . 4.40 26.12 -8.62
O3 BOG G . 4.69 25.30 -9.74
C4 BOG G . 3.61 27.31 -9.10
O4 BOG G . 4.42 28.09 -9.99
C5 BOG G . 3.17 28.15 -7.94
O5 BOG G . 2.42 27.32 -7.07
C6 BOG G . 2.24 29.28 -8.33
O6 BOG G . 0.98 28.99 -7.71
C1' BOG G . 2.11 26.33 -4.38
C2' BOG G . 0.86 25.88 -3.66
C3' BOG G . 0.77 26.47 -2.26
C1 BOG H . 6.09 30.02 -3.49
O1 BOG H . 6.19 28.76 -2.83
C2 BOG H . 7.33 30.86 -3.17
O2 BOG H . 6.97 32.24 -3.18
C3 BOG H . 8.42 30.74 -4.22
O3 BOG H . 9.03 29.47 -4.17
C4 BOG H . 7.87 30.98 -5.60
O4 BOG H . 8.28 32.26 -6.05
C5 BOG H . 6.35 30.92 -5.61
O5 BOG H . 6.02 29.77 -4.88
C6 BOG H . 5.75 30.96 -7.00
O6 BOG H . 5.93 32.29 -7.52
C1' BOG H . 4.99 28.19 -2.37
C2' BOG H . 5.28 27.46 -1.09
C3' BOG H . 4.08 26.68 -0.64
C4' BOG H . 4.59 25.60 0.28
C5' BOG H . 3.58 25.29 1.34
C6' BOG H . 4.03 24.02 1.99
C7' BOG H . 3.55 23.87 3.40
C8' BOG H . 4.15 22.67 4.03
C1 BOG I . 10.76 29.68 -0.57
O1 BOG I . 9.79 28.65 -0.65
C2 BOG I . 10.29 30.86 0.26
O2 BOG I . 9.22 31.57 -0.34
C3 BOG I . 11.42 31.82 0.46
O3 BOG I . 11.77 31.78 1.82
C4 BOG I . 12.63 31.50 -0.40
O4 BOG I . 12.26 31.65 -1.75
C5 BOG I . 13.08 30.06 -0.30
O5 BOG I . 11.98 29.23 -0.03
C6 BOG I . 14.12 29.93 0.78
O6 BOG I . 15.25 29.23 0.26
C1' BOG I . 9.76 27.95 0.56
C2' BOG I . 9.04 26.67 0.42
C3' BOG I . 8.46 26.41 1.76
C4' BOG I . 8.37 24.95 2.03
C5' BOG I . 8.43 24.69 3.51
C6' BOG I . 7.39 23.73 3.85
#